data_2C3E
#
_entry.id   2C3E
#
_cell.length_a   76.246
_cell.length_b   110.752
_cell.length_c   89.540
_cell.angle_alpha   90.00
_cell.angle_beta   90.00
_cell.angle_gamma   90.00
#
_symmetry.space_group_name_H-M   'C 2 2 21'
#
loop_
_entity.id
_entity.type
_entity.pdbx_description
1 polymer 'ADP/ATP TRANSLOCASE 1'
2 non-polymer Carboxyatractyloside
3 non-polymer CARDIOLIPIN
#
_entity_poly.entity_id   1
_entity_poly.type   'polypeptide(L)'
_entity_poly.pdbx_seq_one_letter_code
;SDQALSFLKDFLAGGVAAAISKTAVAPIERVKLLLQVQHASKQISAEKQYKGIIDCVVRIPKEQGFLSFWRGNLANVIRY
FPTQALNFAFKDKYKQIFLGGVDRHKQFWRYFAGNLASGGAAGATSLCFVYPLDFARTRLAADVGKGAAQREFTGLGNCI
TKIFKSDGLRGLYQGFNVSVQGIIIYRAAYFGVYDTAKGMLPDPKNVHIIVSWMIAQTVTAVAGLVSYPFDTVRRRMMMQ
SGRKGADIMYTGTVDCWRKIAKDEGPKAFFKGAWSNVLRGMGGAFVLVLYDEIKKFV
;
_entity_poly.pdbx_strand_id   A
#
loop_
_chem_comp.id
_chem_comp.type
_chem_comp.name
_chem_comp.formula
CDL non-polymer CARDIOLIPIN 'C81 H156 O17 P2 -2'
CXT non-polymer Carboxyatractyloside 'C31 H46 O18 S2'
#
# COMPACT_ATOMS: atom_id res chain seq x y z
N SER A 1 -9.71 -14.56 -36.16
CA SER A 1 -8.87 -13.83 -35.17
C SER A 1 -7.38 -14.13 -35.35
N ASP A 2 -6.54 -13.20 -34.89
CA ASP A 2 -5.08 -13.30 -34.95
C ASP A 2 -4.51 -11.93 -34.59
N GLN A 3 -5.41 -10.97 -34.46
CA GLN A 3 -5.09 -9.58 -34.10
C GLN A 3 -6.40 -8.92 -33.67
N ALA A 4 -7.31 -9.74 -33.15
CA ALA A 4 -8.63 -9.28 -32.70
C ALA A 4 -8.61 -8.48 -31.41
N LEU A 5 -8.20 -7.21 -31.51
CA LEU A 5 -8.11 -6.31 -30.34
C LEU A 5 -7.74 -7.04 -29.06
N SER A 6 -6.78 -7.96 -29.16
CA SER A 6 -6.35 -8.73 -28.02
C SER A 6 -5.09 -8.15 -27.39
N PHE A 7 -5.24 -7.66 -26.16
CA PHE A 7 -4.17 -7.04 -25.39
C PHE A 7 -4.90 -6.18 -24.37
N LEU A 8 -6.03 -5.61 -24.80
CA LEU A 8 -6.82 -4.72 -23.96
C LEU A 8 -8.02 -5.27 -23.19
N LYS A 9 -8.60 -6.39 -23.63
CA LYS A 9 -9.70 -6.91 -22.86
C LYS A 9 -9.13 -7.43 -21.56
N ASP A 10 -7.84 -7.77 -21.60
CA ASP A 10 -7.10 -8.28 -20.45
C ASP A 10 -6.99 -7.13 -19.46
N PHE A 11 -6.60 -5.98 -20.01
CA PHE A 11 -6.44 -4.73 -19.28
C PHE A 11 -7.72 -4.42 -18.50
N LEU A 12 -8.85 -4.47 -19.20
CA LEU A 12 -10.13 -4.22 -18.55
C LEU A 12 -10.35 -5.25 -17.45
N ALA A 13 -10.22 -6.53 -17.80
CA ALA A 13 -10.42 -7.61 -16.83
C ALA A 13 -9.47 -7.45 -15.65
N GLY A 14 -8.21 -7.19 -15.98
CA GLY A 14 -7.18 -7.00 -14.96
C GLY A 14 -7.54 -5.91 -13.99
N GLY A 15 -8.22 -4.87 -14.49
CA GLY A 15 -8.61 -3.77 -13.64
C GLY A 15 -9.91 -4.07 -12.93
N VAL A 16 -10.78 -4.83 -13.59
CA VAL A 16 -12.05 -5.16 -12.98
C VAL A 16 -11.75 -6.09 -11.82
N ALA A 17 -10.82 -7.02 -12.04
CA ALA A 17 -10.44 -7.95 -10.98
C ALA A 17 -9.83 -7.17 -9.81
N ALA A 18 -8.91 -6.26 -10.13
CA ALA A 18 -8.27 -5.44 -9.10
C ALA A 18 -9.29 -4.72 -8.23
N ALA A 19 -10.28 -4.11 -8.88
CA ALA A 19 -11.32 -3.38 -8.18
C ALA A 19 -12.04 -4.27 -7.17
N ILE A 20 -12.37 -5.48 -7.59
CA ILE A 20 -13.08 -6.43 -6.74
C ILE A 20 -12.35 -6.89 -5.48
N SER A 21 -11.09 -7.29 -5.61
CA SER A 21 -10.35 -7.74 -4.43
C SER A 21 -10.09 -6.58 -3.47
N LYS A 22 -9.78 -5.40 -4.00
CA LYS A 22 -9.54 -4.26 -3.13
C LYS A 22 -10.77 -3.86 -2.33
N THR A 23 -11.92 -3.86 -3.01
CA THR A 23 -13.20 -3.50 -2.39
C THR A 23 -13.61 -4.55 -1.37
N ALA A 24 -13.36 -5.82 -1.67
CA ALA A 24 -13.70 -6.87 -0.74
C ALA A 24 -12.96 -6.67 0.56
N VAL A 25 -11.65 -6.45 0.50
CA VAL A 25 -10.87 -6.26 1.72
C VAL A 25 -10.73 -4.83 2.21
N ALA A 26 -11.42 -3.89 1.55
CA ALA A 26 -11.37 -2.48 1.93
C ALA A 26 -11.70 -2.27 3.41
N PRO A 27 -12.62 -3.07 3.97
CA PRO A 27 -13.00 -2.95 5.37
C PRO A 27 -11.85 -3.23 6.34
N ILE A 28 -11.07 -4.27 6.06
CA ILE A 28 -9.95 -4.60 6.92
C ILE A 28 -8.77 -3.67 6.61
N GLU A 29 -8.71 -3.22 5.35
CA GLU A 29 -7.65 -2.31 4.91
C GLU A 29 -7.82 -0.99 5.65
N ARG A 30 -9.06 -0.66 5.98
CA ARG A 30 -9.33 0.59 6.68
C ARG A 30 -9.00 0.47 8.14
N VAL A 31 -9.20 -0.71 8.70
CA VAL A 31 -8.92 -0.94 10.11
C VAL A 31 -7.42 -0.91 10.30
N LYS A 32 -6.71 -1.48 9.34
CA LYS A 32 -5.26 -1.49 9.42
C LYS A 32 -4.73 -0.06 9.36
N LEU A 33 -5.29 0.78 8.47
CA LEU A 33 -4.86 2.16 8.38
C LEU A 33 -5.16 2.91 9.68
N LEU A 34 -6.39 2.83 10.16
CA LEU A 34 -6.78 3.49 11.41
C LEU A 34 -5.78 3.17 12.50
N LEU A 35 -5.58 1.89 12.79
CA LEU A 35 -4.62 1.47 13.80
C LEU A 35 -3.22 2.04 13.53
N GLN A 36 -2.89 2.16 12.25
CA GLN A 36 -1.60 2.64 11.78
C GLN A 36 -1.37 4.14 11.98
N VAL A 37 -2.37 4.94 11.67
CA VAL A 37 -2.20 6.37 11.77
C VAL A 37 -3.09 7.10 12.76
N GLN A 38 -3.81 6.37 13.60
CA GLN A 38 -4.70 7.04 14.55
C GLN A 38 -3.95 7.86 15.59
N HIS A 39 -2.80 7.36 16.02
CA HIS A 39 -1.98 8.06 17.00
C HIS A 39 -1.61 9.47 16.56
N ALA A 40 -1.81 9.80 15.29
CA ALA A 40 -1.48 11.12 14.77
C ALA A 40 -2.68 11.79 14.14
N SER A 41 -3.82 11.70 14.82
CA SER A 41 -5.04 12.28 14.29
C SER A 41 -5.55 13.45 15.11
N LYS A 42 -6.18 14.40 14.42
CA LYS A 42 -6.74 15.57 15.06
C LYS A 42 -8.07 15.20 15.70
N GLN A 43 -8.76 14.24 15.08
CA GLN A 43 -10.05 13.80 15.57
C GLN A 43 -9.96 12.79 16.69
N ILE A 44 -9.28 11.68 16.45
CA ILE A 44 -9.18 10.67 17.50
C ILE A 44 -8.37 11.19 18.67
N SER A 45 -9.05 11.43 19.78
CA SER A 45 -8.40 11.88 20.99
C SER A 45 -7.74 10.61 21.55
N ALA A 46 -7.18 10.69 22.74
CA ALA A 46 -6.55 9.50 23.29
C ALA A 46 -7.64 8.54 23.77
N GLU A 47 -8.80 9.10 24.10
CA GLU A 47 -9.94 8.33 24.60
C GLU A 47 -10.92 7.90 23.50
N LYS A 48 -10.39 7.70 22.31
CA LYS A 48 -11.19 7.26 21.17
C LYS A 48 -10.36 6.27 20.36
N GLN A 49 -9.06 6.26 20.61
CA GLN A 49 -8.15 5.38 19.90
C GLN A 49 -8.55 3.92 20.15
N TYR A 50 -8.70 3.16 19.05
CA TYR A 50 -9.14 1.76 19.11
C TYR A 50 -8.13 0.78 19.69
N LYS A 51 -8.67 -0.22 20.40
CA LYS A 51 -7.89 -1.25 21.07
C LYS A 51 -7.38 -2.38 20.18
N GLY A 52 -7.76 -2.36 18.91
CA GLY A 52 -7.34 -3.41 18.00
C GLY A 52 -8.37 -3.52 16.90
N ILE A 53 -8.30 -4.61 16.14
CA ILE A 53 -9.21 -4.85 15.01
C ILE A 53 -10.67 -4.97 15.46
N ILE A 54 -10.98 -6.00 16.24
CA ILE A 54 -12.33 -6.22 16.72
C ILE A 54 -12.92 -4.95 17.32
N ASP A 55 -12.21 -4.37 18.27
CA ASP A 55 -12.66 -3.14 18.92
C ASP A 55 -13.09 -2.11 17.86
N CYS A 56 -12.25 -2.03 16.83
CA CYS A 56 -12.39 -1.11 15.72
C CYS A 56 -13.60 -1.34 14.80
N VAL A 57 -13.72 -2.56 14.26
CA VAL A 57 -14.83 -2.90 13.37
C VAL A 57 -16.16 -2.98 14.12
N VAL A 58 -16.08 -3.23 15.42
CA VAL A 58 -17.27 -3.33 16.24
C VAL A 58 -17.77 -1.92 16.53
N ARG A 59 -16.86 -0.95 16.43
CA ARG A 59 -17.19 0.43 16.72
C ARG A 59 -17.41 1.33 15.51
N ILE A 60 -16.76 1.01 14.39
CA ILE A 60 -16.90 1.84 13.21
C ILE A 60 -18.32 1.97 12.68
N PRO A 61 -19.03 0.84 12.50
CA PRO A 61 -20.41 0.90 11.99
C PRO A 61 -21.25 1.85 12.83
N LYS A 62 -21.13 1.75 14.14
CA LYS A 62 -21.89 2.61 15.05
C LYS A 62 -21.48 4.07 15.03
N GLU A 63 -20.18 4.33 14.96
CA GLU A 63 -19.64 5.68 14.96
C GLU A 63 -19.87 6.47 13.66
N GLN A 64 -19.66 5.85 12.50
CA GLN A 64 -19.80 6.55 11.21
C GLN A 64 -20.71 5.93 10.16
N GLY A 65 -21.24 4.74 10.43
CA GLY A 65 -22.09 4.09 9.44
C GLY A 65 -21.39 2.89 8.84
N PHE A 66 -22.16 1.86 8.55
CA PHE A 66 -21.63 0.61 7.99
C PHE A 66 -20.85 0.81 6.71
N LEU A 67 -21.31 1.74 5.88
CA LEU A 67 -20.65 2.03 4.62
C LEU A 67 -19.28 2.69 4.78
N SER A 68 -18.99 3.21 5.98
CA SER A 68 -17.70 3.85 6.22
C SER A 68 -16.50 2.89 6.10
N PHE A 69 -16.76 1.58 6.16
CA PHE A 69 -15.68 0.62 6.02
C PHE A 69 -15.02 0.89 4.67
N TRP A 70 -15.81 1.35 3.70
CA TRP A 70 -15.28 1.63 2.35
C TRP A 70 -14.80 3.05 2.11
N ARG A 71 -14.59 3.76 3.20
CA ARG A 71 -14.14 5.13 3.17
C ARG A 71 -12.72 5.28 2.59
N GLY A 72 -12.65 5.84 1.38
CA GLY A 72 -11.39 6.06 0.71
C GLY A 72 -11.15 5.04 -0.39
N ASN A 73 -12.03 4.03 -0.44
CA ASN A 73 -11.90 2.96 -1.41
C ASN A 73 -11.83 3.39 -2.89
N LEU A 74 -12.69 4.32 -3.31
CA LEU A 74 -12.71 4.78 -4.70
C LEU A 74 -11.33 4.84 -5.33
N ALA A 75 -10.39 5.46 -4.62
CA ALA A 75 -9.03 5.59 -5.15
C ALA A 75 -8.41 4.22 -5.47
N ASN A 76 -8.70 3.22 -4.64
CA ASN A 76 -8.22 1.85 -4.85
C ASN A 76 -8.65 1.33 -6.22
N VAL A 77 -9.92 1.55 -6.59
CA VAL A 77 -10.42 1.09 -7.88
C VAL A 77 -9.89 1.87 -9.10
N ILE A 78 -9.58 3.15 -8.89
CA ILE A 78 -9.06 3.98 -9.96
C ILE A 78 -7.62 3.63 -10.29
N ARG A 79 -6.75 3.89 -9.32
CA ARG A 79 -5.32 3.68 -9.42
C ARG A 79 -4.84 2.61 -10.39
N TYR A 80 -5.56 1.49 -10.47
CA TYR A 80 -5.16 0.41 -11.35
C TYR A 80 -4.82 0.77 -12.79
N PHE A 81 -5.78 1.39 -13.46
CA PHE A 81 -5.64 1.73 -14.85
C PHE A 81 -4.53 2.73 -15.16
N PRO A 82 -4.47 3.85 -14.43
CA PRO A 82 -3.39 4.80 -14.71
C PRO A 82 -1.99 4.21 -14.42
N THR A 83 -1.91 3.38 -13.37
CA THR A 83 -0.64 2.75 -13.02
C THR A 83 -0.24 1.84 -14.19
N GLN A 84 -1.12 0.92 -14.54
CA GLN A 84 -0.87 -0.03 -15.61
C GLN A 84 -0.36 0.59 -16.90
N ALA A 85 -0.95 1.71 -17.31
CA ALA A 85 -0.52 2.38 -18.53
C ALA A 85 0.95 2.68 -18.44
N LEU A 86 1.34 3.26 -17.31
CA LEU A 86 2.73 3.62 -17.06
C LEU A 86 3.69 2.45 -17.04
N ASN A 87 3.20 1.24 -16.78
CA ASN A 87 4.09 0.09 -16.77
C ASN A 87 4.41 -0.34 -18.19
N PHE A 88 3.38 -0.39 -19.03
CA PHE A 88 3.57 -0.77 -20.42
C PHE A 88 4.61 0.19 -20.99
N ALA A 89 4.69 1.36 -20.37
CA ALA A 89 5.60 2.39 -20.81
C ALA A 89 7.03 2.34 -20.27
N PHE A 90 7.25 1.91 -19.01
CA PHE A 90 8.61 1.92 -18.47
C PHE A 90 9.20 0.62 -17.91
N LYS A 91 8.38 -0.20 -17.25
CA LYS A 91 8.86 -1.43 -16.63
C LYS A 91 9.92 -2.19 -17.44
N ASP A 92 9.62 -2.48 -18.70
CA ASP A 92 10.54 -3.20 -19.58
C ASP A 92 11.85 -2.45 -19.77
N LYS A 93 11.74 -1.15 -20.06
CA LYS A 93 12.90 -0.25 -20.28
C LYS A 93 13.84 -0.25 -19.09
N TYR A 94 13.25 -0.31 -17.90
CA TYR A 94 14.02 -0.33 -16.68
C TYR A 94 14.71 -1.67 -16.52
N LYS A 95 14.02 -2.75 -16.91
CA LYS A 95 14.60 -4.08 -16.84
C LYS A 95 15.91 -4.16 -17.65
N GLN A 96 15.89 -3.60 -18.87
CA GLN A 96 17.07 -3.66 -19.73
C GLN A 96 18.16 -2.67 -19.40
N ILE A 97 17.80 -1.57 -18.76
CA ILE A 97 18.79 -0.59 -18.39
C ILE A 97 19.58 -1.17 -17.24
N PHE A 98 18.90 -1.83 -16.31
CA PHE A 98 19.56 -2.37 -15.15
C PHE A 98 19.85 -3.86 -15.17
N LEU A 99 18.96 -4.67 -15.73
CA LEU A 99 19.17 -6.11 -15.76
C LEU A 99 19.69 -6.62 -17.10
N GLY A 100 19.74 -5.70 -18.08
CA GLY A 100 20.20 -6.04 -19.42
C GLY A 100 21.63 -6.57 -19.50
N GLY A 101 21.76 -7.75 -20.09
CA GLY A 101 23.06 -8.36 -20.23
C GLY A 101 23.62 -9.06 -19.01
N VAL A 102 22.78 -9.42 -18.03
CA VAL A 102 23.30 -10.12 -16.85
C VAL A 102 22.52 -11.44 -16.72
N ASP A 103 23.25 -12.54 -16.54
CA ASP A 103 22.64 -13.87 -16.40
C ASP A 103 22.41 -14.20 -14.92
N ARG A 104 21.14 -14.28 -14.51
CA ARG A 104 20.79 -14.56 -13.11
C ARG A 104 21.57 -15.71 -12.45
N HIS A 105 21.92 -16.73 -13.23
CA HIS A 105 22.62 -17.88 -12.65
C HIS A 105 24.13 -17.72 -12.49
N LYS A 106 24.74 -16.83 -13.26
CA LYS A 106 26.18 -16.66 -13.20
C LYS A 106 26.61 -15.31 -12.61
N GLN A 107 25.64 -14.60 -12.03
CA GLN A 107 25.87 -13.30 -11.41
C GLN A 107 24.71 -13.01 -10.45
N PHE A 108 24.63 -13.80 -9.37
CA PHE A 108 23.56 -13.62 -8.40
C PHE A 108 23.36 -12.23 -7.83
N TRP A 109 24.41 -11.66 -7.26
CA TRP A 109 24.32 -10.34 -6.64
C TRP A 109 24.14 -9.16 -7.58
N ARG A 110 24.75 -9.23 -8.77
CA ARG A 110 24.60 -8.16 -9.76
C ARG A 110 23.17 -8.20 -10.31
N TYR A 111 22.50 -9.34 -10.15
CA TYR A 111 21.12 -9.54 -10.59
C TYR A 111 20.20 -9.08 -9.47
N PHE A 112 20.64 -9.25 -8.24
CA PHE A 112 19.85 -8.83 -7.11
C PHE A 112 19.74 -7.30 -7.15
N ALA A 113 20.90 -6.66 -7.25
CA ALA A 113 20.95 -5.20 -7.30
C ALA A 113 20.21 -4.65 -8.51
N GLY A 114 20.56 -5.14 -9.68
CA GLY A 114 19.92 -4.66 -10.88
C GLY A 114 18.41 -4.77 -10.81
N ASN A 115 17.94 -5.86 -10.21
CA ASN A 115 16.51 -6.08 -10.09
C ASN A 115 15.86 -5.12 -9.10
N LEU A 116 16.62 -4.71 -8.08
CA LEU A 116 16.09 -3.77 -7.10
C LEU A 116 15.87 -2.48 -7.81
N ALA A 117 16.96 -1.98 -8.39
CA ALA A 117 16.94 -0.74 -9.13
C ALA A 117 15.83 -0.81 -10.17
N SER A 118 15.79 -1.92 -10.90
CA SER A 118 14.77 -2.09 -11.91
C SER A 118 13.38 -1.82 -11.31
N GLY A 119 13.08 -2.47 -10.19
CA GLY A 119 11.78 -2.27 -9.55
C GLY A 119 11.70 -0.93 -8.83
N GLY A 120 12.84 -0.46 -8.32
CA GLY A 120 12.87 0.82 -7.64
C GLY A 120 12.54 1.96 -8.58
N ALA A 121 13.19 2.00 -9.73
CA ALA A 121 12.95 3.05 -10.70
C ALA A 121 11.52 3.06 -11.21
N ALA A 122 11.01 1.89 -11.58
CA ALA A 122 9.65 1.78 -12.10
C ALA A 122 8.65 2.25 -11.05
N GLY A 123 8.80 1.73 -9.83
CA GLY A 123 7.91 2.13 -8.75
C GLY A 123 7.87 3.64 -8.59
N ALA A 124 9.04 4.24 -8.49
CA ALA A 124 9.19 5.68 -8.34
C ALA A 124 8.49 6.46 -9.45
N THR A 125 8.56 5.91 -10.67
CA THR A 125 7.94 6.53 -11.85
C THR A 125 6.43 6.55 -11.74
N SER A 126 5.84 5.38 -11.49
CA SER A 126 4.40 5.23 -11.35
C SER A 126 3.92 6.10 -10.20
N LEU A 127 4.53 5.93 -9.03
CA LEU A 127 4.16 6.74 -7.88
C LEU A 127 4.05 8.18 -8.32
N CYS A 128 5.15 8.69 -8.85
CA CYS A 128 5.26 10.06 -9.34
C CYS A 128 3.91 10.60 -9.82
N PHE A 129 3.13 9.74 -10.47
CA PHE A 129 1.82 10.11 -11.01
C PHE A 129 0.56 9.77 -10.19
N VAL A 130 0.43 8.53 -9.75
CA VAL A 130 -0.75 8.13 -8.99
C VAL A 130 -0.61 8.32 -7.47
N TYR A 131 0.60 8.68 -7.02
CA TYR A 131 0.82 8.88 -5.60
C TYR A 131 -0.37 9.59 -4.95
N PRO A 132 -0.80 10.73 -5.51
CA PRO A 132 -1.93 11.46 -4.95
C PRO A 132 -3.15 10.59 -4.56
N LEU A 133 -3.46 9.58 -5.38
CA LEU A 133 -4.57 8.68 -5.08
C LEU A 133 -4.29 7.96 -3.75
N ASP A 134 -3.07 7.48 -3.58
CA ASP A 134 -2.73 6.79 -2.34
C ASP A 134 -2.92 7.78 -1.20
N PHE A 135 -2.51 9.02 -1.45
CA PHE A 135 -2.63 10.09 -0.48
C PHE A 135 -4.09 10.27 -0.03
N ALA A 136 -4.95 10.56 -0.99
CA ALA A 136 -6.38 10.75 -0.74
C ALA A 136 -6.92 9.49 -0.04
N ARG A 137 -6.65 8.33 -0.62
CA ARG A 137 -7.09 7.05 -0.05
C ARG A 137 -6.74 6.94 1.43
N THR A 138 -5.52 7.34 1.77
CA THR A 138 -5.09 7.26 3.15
C THR A 138 -5.70 8.37 4.01
N ARG A 139 -5.90 9.55 3.42
CA ARG A 139 -6.48 10.62 4.21
C ARG A 139 -7.91 10.28 4.58
N LEU A 140 -8.70 9.90 3.58
CA LEU A 140 -10.09 9.52 3.79
C LEU A 140 -10.27 8.35 4.76
N ALA A 141 -9.43 7.34 4.66
CA ALA A 141 -9.56 6.19 5.55
C ALA A 141 -9.45 6.67 6.99
N ALA A 142 -8.54 7.62 7.24
CA ALA A 142 -8.34 8.15 8.58
C ALA A 142 -9.43 9.13 9.00
N ASP A 143 -10.35 9.44 8.09
CA ASP A 143 -11.45 10.36 8.39
C ASP A 143 -12.43 9.63 9.31
N VAL A 144 -12.19 9.71 10.63
CA VAL A 144 -13.07 9.06 11.59
C VAL A 144 -14.31 9.92 11.85
N GLY A 145 -14.49 10.96 11.03
CA GLY A 145 -15.63 11.84 11.19
C GLY A 145 -16.98 11.19 10.92
N LYS A 146 -18.04 11.71 11.52
CA LYS A 146 -19.37 11.15 11.32
C LYS A 146 -20.13 11.81 10.18
N GLY A 147 -20.80 12.93 10.47
CA GLY A 147 -21.55 13.64 9.44
C GLY A 147 -20.67 14.53 8.58
N ALA A 148 -21.14 14.86 7.38
CA ALA A 148 -20.40 15.71 6.45
C ALA A 148 -19.96 17.03 7.08
N ALA A 149 -20.22 17.18 8.37
CA ALA A 149 -19.86 18.40 9.10
C ALA A 149 -18.66 18.13 10.01
N GLN A 150 -18.42 16.85 10.27
CA GLN A 150 -17.32 16.43 11.14
C GLN A 150 -16.37 15.60 10.28
N ARG A 151 -16.36 15.91 8.98
CA ARG A 151 -15.54 15.22 8.00
C ARG A 151 -14.48 16.14 7.39
N GLU A 152 -13.21 15.72 7.42
CA GLU A 152 -12.12 16.51 6.84
C GLU A 152 -12.31 16.75 5.33
N PHE A 153 -12.72 15.71 4.60
CA PHE A 153 -12.95 15.82 3.15
C PHE A 153 -14.23 15.10 2.74
N THR A 154 -14.97 15.73 1.83
CA THR A 154 -16.23 15.19 1.34
C THR A 154 -16.01 14.16 0.23
N GLY A 155 -14.75 13.74 0.07
CA GLY A 155 -14.43 12.77 -0.96
C GLY A 155 -13.03 12.87 -1.53
N LEU A 156 -12.76 12.00 -2.49
CA LEU A 156 -11.47 11.94 -3.16
C LEU A 156 -11.19 13.26 -3.88
N GLY A 157 -12.12 13.64 -4.76
CA GLY A 157 -11.99 14.87 -5.53
C GLY A 157 -11.76 16.09 -4.65
N ASN A 158 -12.52 16.17 -3.57
CA ASN A 158 -12.38 17.27 -2.63
C ASN A 158 -11.03 17.15 -1.95
N CYS A 159 -10.78 16.00 -1.35
CA CYS A 159 -9.52 15.76 -0.65
C CYS A 159 -8.32 16.24 -1.45
N ILE A 160 -8.32 15.93 -2.74
CA ILE A 160 -7.23 16.33 -3.62
C ILE A 160 -7.19 17.86 -3.73
N THR A 161 -8.26 18.43 -4.29
CA THR A 161 -8.38 19.88 -4.48
C THR A 161 -8.17 20.67 -3.20
N LYS A 162 -8.67 20.16 -2.08
CA LYS A 162 -8.51 20.84 -0.79
C LYS A 162 -7.05 21.01 -0.43
N ILE A 163 -6.36 19.90 -0.15
CA ILE A 163 -4.94 19.92 0.22
C ILE A 163 -4.08 20.76 -0.72
N PHE A 164 -4.39 20.69 -2.00
CA PHE A 164 -3.67 21.43 -3.04
C PHE A 164 -3.83 22.92 -2.75
N LYS A 165 -5.08 23.36 -2.71
CA LYS A 165 -5.43 24.76 -2.42
C LYS A 165 -4.84 25.14 -1.05
N SER A 166 -4.19 24.18 -0.42
CA SER A 166 -3.59 24.41 0.88
C SER A 166 -2.06 24.28 0.88
N ASP A 167 -1.51 23.40 0.03
CA ASP A 167 -0.05 23.17 -0.05
C ASP A 167 0.41 22.78 -1.46
N GLY A 168 -0.41 23.09 -2.46
CA GLY A 168 -0.06 22.74 -3.83
C GLY A 168 0.20 21.25 -3.96
N LEU A 169 1.21 20.88 -4.75
CA LEU A 169 1.55 19.48 -4.93
C LEU A 169 2.41 18.95 -3.80
N ARG A 170 3.09 19.84 -3.08
CA ARG A 170 3.94 19.41 -1.98
C ARG A 170 3.16 18.64 -0.91
N GLY A 171 1.96 19.12 -0.60
CA GLY A 171 1.15 18.46 0.40
C GLY A 171 0.75 17.08 -0.09
N LEU A 172 0.13 17.04 -1.27
CA LEU A 172 -0.32 15.79 -1.87
C LEU A 172 0.75 14.69 -1.99
N TYR A 173 2.02 15.05 -1.92
CA TYR A 173 3.08 14.05 -2.07
C TYR A 173 3.90 13.75 -0.84
N GLN A 174 3.41 14.06 0.35
CA GLN A 174 4.21 13.74 1.52
C GLN A 174 4.32 12.23 1.73
N GLY A 175 5.52 11.81 2.11
CA GLY A 175 5.81 10.40 2.33
C GLY A 175 6.45 9.74 1.11
N PHE A 176 6.48 10.48 0.00
CA PHE A 176 7.06 9.98 -1.24
C PHE A 176 8.40 9.25 -1.04
N ASN A 177 9.41 10.00 -0.58
CA ASN A 177 10.73 9.45 -0.36
C ASN A 177 10.70 8.11 0.36
N VAL A 178 10.34 8.11 1.65
CA VAL A 178 10.28 6.89 2.45
C VAL A 178 9.44 5.77 1.81
N SER A 179 8.49 6.13 0.96
CA SER A 179 7.69 5.09 0.32
C SER A 179 8.53 4.45 -0.79
N VAL A 180 9.49 5.21 -1.32
CA VAL A 180 10.37 4.71 -2.36
C VAL A 180 11.48 3.87 -1.70
N GLN A 181 11.83 4.19 -0.47
CA GLN A 181 12.82 3.40 0.26
C GLN A 181 12.11 2.09 0.58
N GLY A 182 10.87 2.22 1.07
CA GLY A 182 10.07 1.07 1.40
C GLY A 182 9.90 0.07 0.29
N ILE A 183 9.64 0.56 -0.91
CA ILE A 183 9.47 -0.31 -2.07
C ILE A 183 10.70 -1.19 -2.34
N ILE A 184 11.89 -0.59 -2.21
CA ILE A 184 13.12 -1.33 -2.44
C ILE A 184 13.32 -2.37 -1.34
N ILE A 185 12.94 -2.02 -0.10
CA ILE A 185 13.04 -2.95 1.02
C ILE A 185 12.11 -4.13 0.80
N TYR A 186 10.89 -3.82 0.39
CA TYR A 186 9.86 -4.80 0.11
C TYR A 186 10.36 -5.83 -0.91
N ARG A 187 10.92 -5.28 -1.99
CA ARG A 187 11.44 -6.07 -3.09
C ARG A 187 12.69 -6.90 -2.71
N ALA A 188 13.56 -6.34 -1.88
CA ALA A 188 14.78 -7.05 -1.42
C ALA A 188 14.38 -8.24 -0.55
N ALA A 189 13.35 -8.04 0.26
CA ALA A 189 12.86 -9.09 1.14
C ALA A 189 12.06 -10.09 0.33
N TYR A 190 11.20 -9.58 -0.55
CA TYR A 190 10.37 -10.47 -1.35
C TYR A 190 11.27 -11.47 -2.08
N PHE A 191 12.30 -10.97 -2.74
CA PHE A 191 13.20 -11.84 -3.46
C PHE A 191 14.19 -12.52 -2.54
N GLY A 192 14.81 -11.75 -1.66
CA GLY A 192 15.75 -12.36 -0.73
C GLY A 192 15.15 -13.59 -0.08
N VAL A 193 13.90 -13.49 0.35
CA VAL A 193 13.20 -14.60 1.00
C VAL A 193 12.78 -15.72 0.04
N TYR A 194 12.58 -15.39 -1.23
CA TYR A 194 12.16 -16.40 -2.22
C TYR A 194 13.36 -17.20 -2.74
N ASP A 195 14.57 -16.67 -2.57
CA ASP A 195 15.76 -17.36 -3.03
C ASP A 195 16.21 -18.37 -1.99
N THR A 196 16.26 -17.92 -0.74
CA THR A 196 16.66 -18.79 0.34
C THR A 196 15.58 -19.87 0.47
N ALA A 197 14.33 -19.48 0.22
CA ALA A 197 13.21 -20.41 0.32
C ALA A 197 13.14 -21.46 -0.80
N LYS A 198 13.36 -21.02 -2.03
CA LYS A 198 13.30 -21.92 -3.18
C LYS A 198 14.23 -23.12 -3.00
N GLY A 199 15.24 -22.96 -2.15
CA GLY A 199 16.19 -24.03 -1.90
C GLY A 199 15.78 -24.93 -0.73
N MET A 200 15.16 -24.32 0.26
CA MET A 200 14.70 -25.03 1.46
C MET A 200 13.45 -25.89 1.15
N LEU A 201 12.94 -25.80 -0.08
CA LEU A 201 11.72 -26.53 -0.46
C LEU A 201 11.85 -27.35 -1.75
N PRO A 202 11.04 -28.42 -1.90
CA PRO A 202 11.05 -29.28 -3.09
C PRO A 202 10.50 -28.63 -4.36
N ASP A 203 11.40 -28.26 -5.25
CA ASP A 203 11.04 -27.62 -6.51
C ASP A 203 10.69 -28.58 -7.65
N PRO A 204 10.49 -29.88 -7.36
CA PRO A 204 10.16 -30.75 -8.49
C PRO A 204 8.65 -30.80 -8.72
N LYS A 205 8.00 -29.64 -8.56
CA LYS A 205 6.55 -29.53 -8.72
C LYS A 205 5.94 -30.24 -7.53
N ASN A 206 6.65 -31.25 -7.05
CA ASN A 206 6.22 -32.04 -5.91
C ASN A 206 6.03 -31.13 -4.71
N VAL A 207 4.78 -30.71 -4.52
CA VAL A 207 4.37 -29.83 -3.45
C VAL A 207 2.98 -29.37 -3.85
N HIS A 208 2.06 -30.33 -3.92
CA HIS A 208 0.69 -30.07 -4.32
C HIS A 208 0.63 -28.95 -5.37
N ILE A 209 0.11 -27.80 -4.96
CA ILE A 209 -0.03 -26.60 -5.78
C ILE A 209 -0.68 -25.55 -4.90
N ILE A 210 -1.50 -26.03 -3.98
CA ILE A 210 -2.20 -25.19 -3.04
C ILE A 210 -1.22 -24.82 -1.95
N VAL A 211 -0.25 -25.72 -1.72
CA VAL A 211 0.79 -25.49 -0.72
C VAL A 211 1.68 -24.40 -1.30
N SER A 212 1.75 -24.40 -2.62
CA SER A 212 2.55 -23.43 -3.37
C SER A 212 1.94 -22.03 -3.22
N TRP A 213 0.62 -22.00 -3.08
CA TRP A 213 -0.08 -20.74 -2.93
C TRP A 213 0.24 -20.18 -1.55
N MET A 214 -0.06 -20.98 -0.52
CA MET A 214 0.21 -20.61 0.86
C MET A 214 1.65 -20.16 1.10
N ILE A 215 2.58 -20.66 0.30
CA ILE A 215 3.96 -20.25 0.48
C ILE A 215 4.19 -18.91 -0.20
N ALA A 216 3.49 -18.68 -1.32
CA ALA A 216 3.65 -17.44 -2.04
C ALA A 216 3.11 -16.35 -1.14
N GLN A 217 1.98 -16.65 -0.51
CA GLN A 217 1.38 -15.70 0.41
C GLN A 217 2.33 -15.48 1.57
N THR A 218 2.85 -16.58 2.12
CA THR A 218 3.79 -16.49 3.24
C THR A 218 4.89 -15.51 2.87
N VAL A 219 5.47 -15.69 1.70
CA VAL A 219 6.52 -14.79 1.23
C VAL A 219 6.08 -13.35 1.03
N THR A 220 4.83 -13.14 0.63
CA THR A 220 4.32 -11.78 0.43
C THR A 220 4.13 -11.11 1.79
N ALA A 221 3.69 -11.89 2.77
CA ALA A 221 3.50 -11.38 4.13
C ALA A 221 4.83 -11.06 4.83
N VAL A 222 5.85 -11.90 4.63
CA VAL A 222 7.11 -11.64 5.29
C VAL A 222 7.70 -10.35 4.76
N ALA A 223 7.72 -10.23 3.43
CA ALA A 223 8.23 -9.04 2.74
C ALA A 223 7.46 -7.83 3.19
N GLY A 224 6.16 -8.00 3.37
CA GLY A 224 5.35 -6.88 3.81
C GLY A 224 5.61 -6.48 5.25
N LEU A 225 6.10 -7.42 6.05
CA LEU A 225 6.38 -7.13 7.45
C LEU A 225 7.71 -6.41 7.63
N VAL A 226 8.66 -6.77 6.80
CA VAL A 226 9.99 -6.17 6.85
C VAL A 226 10.02 -4.71 6.42
N SER A 227 9.11 -4.34 5.53
CA SER A 227 9.07 -2.98 5.03
C SER A 227 7.92 -2.18 5.60
N TYR A 228 7.24 -2.78 6.57
CA TYR A 228 6.10 -2.13 7.20
C TYR A 228 6.45 -0.84 7.91
N PRO A 229 7.56 -0.83 8.67
CA PRO A 229 7.87 0.42 9.34
C PRO A 229 7.90 1.58 8.34
N PHE A 230 8.44 1.34 7.15
CA PHE A 230 8.53 2.39 6.14
C PHE A 230 7.15 2.87 5.72
N ASP A 231 6.21 1.94 5.66
CA ASP A 231 4.84 2.27 5.29
C ASP A 231 4.27 3.13 6.42
N THR A 232 4.56 2.74 7.65
CA THR A 232 4.08 3.48 8.81
C THR A 232 4.50 4.96 8.83
N VAL A 233 5.78 5.25 8.63
CA VAL A 233 6.23 6.63 8.65
C VAL A 233 5.66 7.35 7.42
N ARG A 234 5.62 6.65 6.30
CA ARG A 234 5.07 7.21 5.08
C ARG A 234 3.65 7.77 5.31
N ARG A 235 2.79 6.94 5.89
CA ARG A 235 1.38 7.30 6.19
C ARG A 235 1.30 8.46 7.16
N ARG A 236 2.12 8.39 8.20
CA ARG A 236 2.19 9.42 9.23
C ARG A 236 2.50 10.81 8.66
N MET A 237 3.28 10.85 7.59
CA MET A 237 3.65 12.10 6.94
C MET A 237 2.49 12.58 6.05
N MET A 238 1.77 11.64 5.44
CA MET A 238 0.64 11.99 4.58
C MET A 238 -0.39 12.73 5.42
N MET A 239 -0.52 12.25 6.64
CA MET A 239 -1.45 12.81 7.60
C MET A 239 -1.29 14.30 7.81
N GLN A 240 -0.06 14.79 7.68
CA GLN A 240 0.25 16.20 7.91
C GLN A 240 -0.28 17.23 6.91
N SER A 241 -0.12 16.97 5.62
CA SER A 241 -0.59 17.91 4.59
C SER A 241 -1.93 18.60 4.93
N GLY A 242 -1.94 19.93 4.83
CA GLY A 242 -3.15 20.69 5.13
C GLY A 242 -3.22 21.21 6.55
N ARG A 243 -2.60 20.47 7.47
CA ARG A 243 -2.57 20.81 8.89
C ARG A 243 -1.55 21.90 9.16
N LYS A 244 -1.87 23.10 8.70
CA LYS A 244 -1.01 24.28 8.85
C LYS A 244 -0.75 24.68 10.30
N GLY A 245 0.46 24.36 10.78
CA GLY A 245 0.86 24.71 12.13
C GLY A 245 0.29 23.89 13.28
N ALA A 246 0.70 24.27 14.48
CA ALA A 246 0.26 23.65 15.72
C ALA A 246 0.42 22.12 15.81
N ASP A 247 -0.65 21.37 15.50
CA ASP A 247 -0.63 19.92 15.56
C ASP A 247 0.51 19.23 14.83
N ILE A 248 1.10 19.91 13.85
CA ILE A 248 2.21 19.33 13.09
C ILE A 248 3.10 18.53 14.03
N MET A 249 2.88 17.22 14.05
CA MET A 249 3.65 16.32 14.91
C MET A 249 4.96 15.97 14.24
N TYR A 250 4.99 16.12 12.92
CA TYR A 250 6.17 15.80 12.14
C TYR A 250 6.43 16.86 11.08
N THR A 251 7.70 17.06 10.78
CA THR A 251 8.13 18.02 9.79
C THR A 251 8.79 17.30 8.61
N GLY A 252 9.60 16.27 8.93
CA GLY A 252 10.25 15.51 7.88
C GLY A 252 10.31 14.02 8.17
N THR A 253 10.66 13.24 7.15
CA THR A 253 10.79 11.78 7.28
C THR A 253 11.59 11.41 8.54
N VAL A 254 12.79 11.96 8.67
CA VAL A 254 13.65 11.69 9.82
C VAL A 254 12.99 12.17 11.13
N ASP A 255 12.26 13.28 11.03
CA ASP A 255 11.55 13.88 12.14
C ASP A 255 10.50 12.86 12.57
N CYS A 256 10.09 12.03 11.60
CA CYS A 256 9.08 11.01 11.84
C CYS A 256 9.64 9.72 12.46
N TRP A 257 10.69 9.14 11.86
CA TRP A 257 11.26 7.92 12.45
C TRP A 257 11.63 8.25 13.87
N ARG A 258 11.99 9.52 14.06
CA ARG A 258 12.43 10.10 15.34
C ARG A 258 11.35 10.16 16.41
N LYS A 259 10.34 10.99 16.17
CA LYS A 259 9.24 11.13 17.12
C LYS A 259 8.68 9.76 17.51
N ILE A 260 8.27 8.98 16.51
CA ILE A 260 7.72 7.66 16.75
C ILE A 260 8.55 6.88 17.77
N ALA A 261 9.68 6.35 17.33
CA ALA A 261 10.55 5.58 18.20
C ALA A 261 10.69 6.19 19.61
N LYS A 262 10.54 7.50 19.72
CA LYS A 262 10.65 8.16 21.02
C LYS A 262 9.33 8.08 21.75
N ASP A 263 8.38 8.89 21.30
CA ASP A 263 7.05 8.99 21.88
C ASP A 263 6.24 7.67 21.85
N GLU A 264 6.30 6.96 20.72
CA GLU A 264 5.55 5.71 20.58
C GLU A 264 6.32 4.40 20.82
N GLY A 265 7.63 4.49 21.01
CA GLY A 265 8.38 3.27 21.25
C GLY A 265 8.92 2.59 20.00
N PRO A 266 9.61 1.45 20.17
CA PRO A 266 10.23 0.65 19.11
C PRO A 266 9.26 -0.17 18.23
N LYS A 267 7.97 -0.15 18.54
CA LYS A 267 7.03 -0.96 17.77
C LYS A 267 5.89 -0.20 17.12
N ALA A 268 5.64 1.02 17.57
CA ALA A 268 4.58 1.80 16.97
C ALA A 268 4.66 1.60 15.44
N PHE A 269 5.87 1.38 14.94
CA PHE A 269 6.06 1.17 13.51
C PHE A 269 5.23 0.03 12.95
N PHE A 270 4.89 -0.93 13.81
CA PHE A 270 4.09 -2.07 13.41
C PHE A 270 2.63 -2.00 13.83
N LYS A 271 2.11 -0.79 14.00
CA LYS A 271 0.71 -0.65 14.35
C LYS A 271 -0.10 -0.93 13.08
N GLY A 272 -0.75 -2.09 13.04
CA GLY A 272 -1.57 -2.46 11.90
C GLY A 272 -0.93 -3.54 11.05
N ALA A 273 0.23 -3.98 11.47
CA ALA A 273 0.98 -4.96 10.73
C ALA A 273 0.26 -6.28 10.51
N TRP A 274 -0.45 -6.75 11.53
CA TRP A 274 -1.20 -8.00 11.47
C TRP A 274 -2.40 -7.84 10.58
N SER A 275 -3.09 -6.72 10.76
CA SER A 275 -4.27 -6.38 9.98
C SER A 275 -3.88 -6.34 8.52
N ASN A 276 -2.67 -5.84 8.27
CA ASN A 276 -2.18 -5.72 6.91
C ASN A 276 -1.79 -7.07 6.31
N VAL A 277 -1.62 -8.06 7.16
CA VAL A 277 -1.25 -9.41 6.75
C VAL A 277 -2.56 -10.07 6.30
N LEU A 278 -3.61 -9.84 7.06
CA LEU A 278 -4.91 -10.38 6.74
C LEU A 278 -5.41 -9.77 5.41
N ARG A 279 -5.32 -8.45 5.30
CA ARG A 279 -5.75 -7.74 4.12
C ARG A 279 -5.08 -8.32 2.88
N GLY A 280 -3.78 -8.56 2.99
CA GLY A 280 -3.05 -9.11 1.86
C GLY A 280 -3.46 -10.52 1.47
N MET A 281 -3.59 -11.42 2.44
CA MET A 281 -3.95 -12.79 2.16
C MET A 281 -5.39 -12.85 1.68
N GLY A 282 -6.23 -12.00 2.29
CA GLY A 282 -7.63 -11.92 1.92
C GLY A 282 -7.78 -11.49 0.48
N GLY A 283 -6.97 -10.53 0.07
CA GLY A 283 -7.04 -10.05 -1.29
C GLY A 283 -6.64 -11.14 -2.28
N ALA A 284 -5.51 -11.77 -2.04
CA ALA A 284 -4.99 -12.81 -2.90
C ALA A 284 -5.99 -13.96 -2.94
N PHE A 285 -6.70 -14.14 -1.85
CA PHE A 285 -7.69 -15.20 -1.78
C PHE A 285 -8.92 -14.80 -2.60
N VAL A 286 -9.27 -13.52 -2.62
CA VAL A 286 -10.43 -13.10 -3.38
C VAL A 286 -10.16 -13.33 -4.86
N LEU A 287 -8.95 -12.99 -5.30
CA LEU A 287 -8.59 -13.21 -6.70
C LEU A 287 -8.82 -14.68 -7.05
N VAL A 288 -8.71 -15.56 -6.05
CA VAL A 288 -8.90 -16.99 -6.25
C VAL A 288 -10.37 -17.30 -6.59
N LEU A 289 -11.29 -16.93 -5.70
CA LEU A 289 -12.72 -17.14 -5.90
C LEU A 289 -13.20 -16.43 -7.16
N TYR A 290 -12.60 -15.27 -7.44
CA TYR A 290 -12.99 -14.50 -8.60
C TYR A 290 -12.95 -15.32 -9.88
N ASP A 291 -11.87 -16.07 -10.10
CA ASP A 291 -11.73 -16.87 -11.31
C ASP A 291 -12.83 -17.91 -11.53
N GLU A 292 -14.04 -17.38 -11.74
CA GLU A 292 -15.25 -18.15 -11.98
C GLU A 292 -15.74 -17.96 -13.41
N ILE A 293 -16.29 -19.03 -13.98
CA ILE A 293 -16.81 -19.02 -15.34
C ILE A 293 -18.20 -18.42 -15.36
C1 CXT B . 5.30 -3.58 -5.97
O1 CXT B . 5.88 -4.91 -5.77
S1 CXT B . 4.04 -3.63 -10.88
C2 CXT B . 5.17 -3.22 -7.45
O2 CXT B . 4.15 -3.63 -5.35
S2 CXT B . 6.65 -7.09 -10.01
C3 CXT B . 4.85 -4.34 -8.39
O3 CXT B . 4.16 -2.25 -7.77
C4 CXT B . 5.83 -5.49 -8.14
O4 CXT B . 5.03 -3.80 -9.68
C5 CXT B . 5.53 -5.99 -6.68
O5 CXT B . 5.50 -6.50 -9.08
C6 CXT B . 6.33 -7.14 -6.11
O6 CXT B . 4.99 -3.41 -11.91
C7 CXT B . 4.60 -0.78 -7.89
O7 CXT B . 3.06 -2.58 -10.63
C8 CXT B . 3.24 -0.10 -7.64
O8 CXT B . 3.34 -4.85 -11.02
C9 CXT B . 3.08 1.49 -7.64
O9 CXT B . 7.62 -7.84 -9.17
C10 CXT B . 1.67 2.00 -7.38
O10 CXT B . 5.77 -7.98 -10.74
C11 CXT B . 3.97 2.03 -6.54
O11 CXT B . 7.29 -6.04 -10.81
O12 CXT B . 7.74 -7.26 -6.13
O13 CXT B . 5.60 -0.32 -8.10
C21 CXT B . 4.99 -2.19 -2.92
O21 CXT B . 4.23 2.49 1.13
C22 CXT B . 4.22 -2.95 -4.02
O22 CXT B . 0.42 0.05 -3.55
C23 CXT B . 2.87 -2.26 -4.41
O23 CXT B . -0.23 -1.76 -4.68
C24 CXT B . 1.88 -1.97 -3.25
O24 CXT B . 1.43 -4.44 -3.10
C25 CXT B . 2.79 -0.98 -2.24
O25 CXT B . 0.31 -3.18 -1.70
C26 CXT B . 1.96 -0.52 -0.94
C27 CXT B . 2.76 0.67 -0.26
C28 CXT B . 4.12 0.23 0.33
C29 CXT B . 4.97 -0.69 -0.80
C30 CXT B . 4.18 -1.77 -1.64
C31 CXT B . 6.36 -1.24 -0.13
C32 CXT B . 6.33 -1.50 1.42
C33 CXT B . 5.47 -0.42 2.16
C34 CXT B . 4.00 -0.52 1.66
C35 CXT B . 5.04 1.54 0.70
C36 CXT B . 5.87 1.03 1.87
C37 CXT B . 0.60 -1.25 -3.89
C38 CXT B . 1.12 -3.25 -2.60
C39 CXT B . 3.97 -3.16 -0.83
C40 CXT B . 6.86 1.80 2.58
C1 CDL C . -16.58 9.76 -3.24
O1 CDL C . -17.16 8.56 -3.82
CA2 CDL C . -16.22 10.60 -4.49
OA2 CDL C . -15.67 11.86 -4.05
PA1 CDL C . -15.63 13.11 -5.08
OA3 CDL C . -15.05 14.23 -4.27
OA4 CDL C . -16.98 13.46 -5.63
OA5 CDL C . -14.63 12.66 -6.26
CA3 CDL C . -15.10 12.64 -7.63
CA4 CDL C . -14.17 11.71 -8.43
OA6 CDL C . -13.10 12.38 -9.20
CA5 CDL C . -11.82 12.36 -8.66
OA7 CDL C . -11.53 12.98 -7.66
C11 CDL C . -10.81 11.53 -9.44
C12 CDL C . -9.39 12.11 -9.49
C13 CDL C . -8.84 11.98 -10.90
C14 CDL C . -7.93 10.78 -11.10
C15 CDL C . -7.41 10.68 -12.53
C16 CDL C . -7.78 9.34 -13.14
C17 CDL C . -7.31 9.15 -14.56
C18 CDL C . -7.72 7.79 -15.09
C19 CDL C . -7.27 7.55 -16.54
C20 CDL C . -5.93 6.86 -16.70
C21 CDL C . -5.46 6.63 -18.14
C22 CDL C . -5.14 5.17 -18.44
C23 CDL C . -6.23 4.43 -19.19
C24 CDL C . -5.74 3.91 -20.55
CA6 CDL C . -15.05 10.90 -9.37
CB2 CDL C . -15.36 9.34 -2.42
OB2 CDL C . -15.69 8.22 -1.56
PB2 CDL C . -14.73 7.04 -1.03
OB3 CDL C . -13.42 7.07 -1.70
OB4 CDL C . -14.60 7.17 0.44
OB5 CDL C . -15.42 5.58 -1.35
CB3 CDL C . -16.58 5.60 -2.20
CB4 CDL C . -17.08 4.16 -2.56
OB6 CDL C . -17.25 3.38 -1.34
CB5 CDL C . -18.44 2.79 -1.03
OB7 CDL C . -19.12 3.28 -0.16
C51 CDL C . -18.78 1.52 -1.80
C52 CDL C . -19.38 0.33 -1.10
C53 CDL C . -19.63 -0.80 -2.09
C54 CDL C . -18.94 -2.11 -1.76
C55 CDL C . -19.75 -3.35 -2.15
C56 CDL C . -19.02 -4.66 -1.79
C57 CDL C . -20.03 -5.80 -1.60
C58 CDL C . -19.95 -6.42 -0.21
CB6 CDL C . -16.05 3.51 -3.46
OB8 CDL C . -16.42 2.16 -3.89
CB7 CDL C . -16.65 1.92 -5.22
OB9 CDL C . -16.55 2.81 -6.03
C71 CDL C . -17.03 0.47 -5.55
C72 CDL C . -16.72 0.07 -6.99
C73 CDL C . -15.95 -1.23 -7.08
C74 CDL C . -16.76 -2.23 -7.92
C75 CDL C . -15.91 -2.86 -8.99
C76 CDL C . -16.36 -2.51 -10.38
C77 CDL C . -15.50 -3.15 -11.45
C78 CDL C . -15.14 -2.11 -12.50
C79 CDL C . -13.66 -1.70 -12.46
C80 CDL C . -13.43 -0.46 -13.33
C81 CDL C . -13.33 0.82 -12.53
C1 CDL D . -4.28 -5.98 17.16
O1 CDL D . -3.02 -6.35 17.76
CA2 CDL D . -5.22 -6.93 17.90
OA2 CDL D . -6.59 -6.73 17.48
PA1 CDL D . -7.65 -7.82 18.00
OA3 CDL D . -8.94 -7.39 17.43
OA4 CDL D . -7.71 -7.87 19.48
OA5 CDL D . -7.09 -9.20 17.40
CA3 CDL D . -6.71 -10.21 18.35
CA4 CDL D . -6.77 -11.59 17.69
OA6 CDL D . -7.85 -11.74 16.68
CA5 CDL D . -7.49 -11.86 15.36
OA7 CDL D . -6.69 -12.70 14.96
C11 CDL D . -8.18 -10.87 14.43
C12 CDL D . -9.14 -11.51 13.42
C13 CDL D . -10.16 -10.50 12.92
C14 CDL D . -11.61 -10.82 13.32
C15 CDL D . -12.61 -9.79 12.80
CA6 CDL D . -6.97 -12.56 18.87
OA8 CDL D . -6.69 -13.94 18.43
CA7 CDL D . -7.27 -14.94 19.22
OA9 CDL D . -7.93 -14.62 20.20
C31 CDL D . -6.96 -16.35 18.73
C32 CDL D . -7.59 -16.76 17.40
C33 CDL D . -6.50 -17.18 16.41
C34 CDL D . -5.84 -15.99 15.73
C35 CDL D . -4.75 -16.41 14.76
C36 CDL D . -3.50 -15.60 14.93
CB2 CDL D . -4.16 -6.26 15.67
OB2 CDL D . -3.59 -5.10 15.03
PB2 CDL D . -2.10 -4.89 14.52
OB3 CDL D . -2.01 -5.34 13.14
OB4 CDL D . -1.76 -3.45 14.66
OB5 CDL D . -1.04 -5.73 15.41
CB3 CDL D . 0.29 -5.15 15.58
CB4 CDL D . 1.39 -6.26 15.73
OB6 CDL D . 2.72 -5.69 15.44
CB5 CDL D . 3.78 -5.78 16.30
OB7 CDL D . 3.62 -5.53 17.48
C51 CDL D . 5.11 -6.14 15.67
C52 CDL D . 5.78 -7.46 15.93
C53 CDL D . 7.09 -7.52 15.15
C54 CDL D . 7.13 -8.50 14.02
C55 CDL D . 8.33 -8.28 13.12
C56 CDL D . 8.38 -9.27 11.96
C57 CDL D . 9.73 -9.17 11.26
C58 CDL D . 9.96 -10.33 10.29
CB6 CDL D . 1.05 -7.34 14.74
OB8 CDL D . 1.92 -8.52 14.69
CB7 CDL D . 2.66 -8.73 13.57
OB9 CDL D . 2.62 -7.94 12.65
C71 CDL D . 3.51 -9.99 13.62
C72 CDL D . 2.95 -11.09 12.74
C73 CDL D . 4.00 -12.04 12.20
C74 CDL D . 3.49 -13.47 12.33
C1 CDL E . 11.82 14.88 2.72
O1 CDL E . 13.14 15.38 2.43
CA2 CDL E . 10.95 15.72 1.74
OA2 CDL E . 9.58 15.30 1.90
PA1 CDL E . 8.95 14.13 0.99
OA3 CDL E . 7.56 14.05 1.49
OA4 CDL E . 9.63 12.81 1.11
OA5 CDL E . 8.97 14.65 -0.54
CA3 CDL E . 9.61 13.82 -1.55
CA4 CDL E . 9.91 14.62 -2.86
OA6 CDL E . 11.35 14.60 -3.26
CA5 CDL E . 11.71 13.73 -4.27
OA7 CDL E . 12.11 12.59 -4.04
C11 CDL E . 11.60 14.30 -5.68
C12 CDL E . 10.71 13.53 -6.65
C13 CDL E . 11.51 12.46 -7.35
C14 CDL E . 10.94 12.00 -8.67
C15 CDL E . 11.82 10.92 -9.29
C16 CDL E . 11.32 10.44 -10.64
C17 CDL E . 12.23 9.37 -11.21
C18 CDL E . 11.77 8.88 -12.58
C19 CDL E . 12.71 7.80 -13.14
C20 CDL E . 13.77 8.33 -14.12
C21 CDL E . 14.74 7.27 -14.70
C22 CDL E . 16.03 7.88 -15.22
C23 CDL E . 16.77 6.99 -16.21
C24 CDL E . 16.86 7.64 -17.59
CA6 CDL E . 9.45 16.08 -2.71
OA8 CDL E . 8.60 16.36 -3.88
CA7 CDL E . 9.13 17.20 -4.84
OA9 CDL E . 10.25 17.67 -4.70
C31 CDL E . 8.17 17.43 -6.00
C32 CDL E . 7.77 16.18 -6.80
C33 CDL E . 7.02 16.57 -8.07
C34 CDL E . 6.02 15.52 -8.55
C35 CDL E . 5.30 15.93 -9.83
C36 CDL E . 5.86 15.25 -11.06
C37 CDL E . 6.95 16.04 -11.79
C38 CDL E . 7.45 15.27 -13.00
C39 CDL E . 8.70 14.43 -12.71
C40 CDL E . 9.23 13.65 -13.90
C41 CDL E . 8.79 12.18 -13.92
C42 CDL E . 9.11 11.48 -15.22
C43 CDL E . 8.31 10.19 -15.42
CB2 CDL E . 11.49 15.15 4.18
OB2 CDL E . 12.34 14.34 5.04
PB2 CDL E . 13.79 14.73 5.64
OB3 CDL E . 14.22 16.05 5.13
OB4 CDL E . 13.74 14.72 7.12
OB5 CDL E . 14.92 13.63 5.17
CB3 CDL E . 14.56 12.73 4.07
CB4 CDL E . 15.64 11.61 3.87
OB6 CDL E . 15.19 10.73 2.79
CB5 CDL E . 15.72 10.79 1.54
OB7 CDL E . 15.13 11.42 0.71
C51 CDL E . 17.03 10.06 1.34
C52 CDL E . 17.07 8.69 0.71
C53 CDL E . 18.51 8.16 0.61
C54 CDL E . 18.70 6.72 1.01
C55 CDL E . 19.57 5.96 0.01
C56 CDL E . 19.78 4.50 0.40
C57 CDL E . 21.28 4.21 0.54
C58 CDL E . 21.80 3.31 -0.57
CB6 CDL E . 15.74 10.83 5.16
OB8 CDL E . 16.69 9.71 5.20
CB7 CDL E . 16.49 8.71 6.13
OB9 CDL E . 15.55 8.78 6.91
C71 CDL E . 17.53 7.60 6.09
C72 CDL E . 17.00 6.29 6.70
C73 CDL E . 16.61 5.26 5.67
C74 CDL E . 17.05 3.88 6.15
C75 CDL E . 17.50 3.00 4.99
C76 CDL E . 18.74 2.21 5.28
C77 CDL E . 19.19 1.34 4.11
C78 CDL E . 20.59 1.74 3.68
C79 CDL E . 21.50 0.54 3.45
C80 CDL E . 22.58 0.88 2.41
C81 CDL E . 22.55 -0.06 1.20
C82 CDL E . 23.74 0.00 0.27
C83 CDL E . 24.84 -0.99 0.68
C84 CDL E . 24.50 -2.45 0.37
#